data_4F2H
#
_entry.id   4F2H
#
_cell.length_a   63.840
_cell.length_b   87.350
_cell.length_c   100.100
_cell.angle_alpha   90.00
_cell.angle_beta   90.00
_cell.angle_gamma   90.00
#
_symmetry.space_group_name_H-M   'I 2 2 2'
#
_entity_poly.entity_id   1
_entity_poly.type   'polypeptide(L)'
_entity_poly.pdbx_seq_one_letter_code
;GSQSTVDSIQSVLTTISSILSLKREKPDNLAIILQIDFTKLKEEDSLIVVYNSLKALTIKFARLQFCFVDRNNYVLDYGS
VLHKIDSLDSISNLKSKSSSTQFSPIWLKNTLYPENIHEHLGIVAVSNSNMEAKKSILFQDYRCFTSFGRRRPNELKIKV
GYLNVDYSDKIDELVEASSWTFVLETLCYSFGLSFDEHDDDDEEDND
;
_entity_poly.pdbx_strand_id   A
#
# COMPACT_ATOMS: atom_id res chain seq x y z
N SER A 4 20.08 -3.65 12.31
CA SER A 4 19.96 -4.49 11.11
C SER A 4 19.60 -5.96 11.41
N THR A 5 20.33 -6.60 12.32
CA THR A 5 19.84 -7.90 12.78
C THR A 5 18.53 -7.58 13.46
N VAL A 6 18.52 -6.50 14.22
CA VAL A 6 17.33 -6.08 14.93
C VAL A 6 16.31 -5.57 13.91
N ASP A 7 16.78 -4.93 12.85
CA ASP A 7 15.90 -4.54 11.74
C ASP A 7 15.27 -5.75 11.05
N SER A 8 16.06 -6.82 10.92
CA SER A 8 15.58 -8.13 10.51
C SER A 8 14.40 -8.58 11.33
N ILE A 9 14.64 -8.75 12.63
CA ILE A 9 13.66 -9.39 13.50
C ILE A 9 12.37 -8.57 13.58
N GLN A 10 12.48 -7.26 13.81
CA GLN A 10 11.26 -6.46 13.94
C GLN A 10 10.46 -6.36 12.62
N SER A 11 11.14 -6.42 11.48
CA SER A 11 10.43 -6.47 10.21
C SER A 11 9.40 -7.58 10.28
N VAL A 12 9.84 -8.79 10.61
CA VAL A 12 8.90 -9.89 10.56
C VAL A 12 7.94 -9.73 11.71
N LEU A 13 8.47 -9.56 12.91
CA LEU A 13 7.63 -9.41 14.09
C LEU A 13 6.54 -8.35 13.95
N THR A 14 6.92 -7.17 13.44
CA THR A 14 5.97 -6.08 13.26
C THR A 14 5.09 -6.24 12.01
N THR A 15 5.70 -6.67 10.90
CA THR A 15 4.91 -6.92 9.69
C THR A 15 3.83 -7.96 9.98
N ILE A 16 4.23 -9.06 10.59
CA ILE A 16 3.30 -10.14 10.89
C ILE A 16 2.16 -9.65 11.77
N SER A 17 2.53 -8.81 12.73
CA SER A 17 1.64 -8.43 13.80
C SER A 17 0.62 -7.44 13.29
N SER A 18 1.09 -6.40 12.59
CA SER A 18 0.20 -5.41 12.01
C SER A 18 -0.68 -5.96 10.89
N ILE A 19 -0.15 -6.83 10.04
CA ILE A 19 -0.97 -7.48 9.03
C ILE A 19 -2.08 -8.24 9.71
N LEU A 20 -1.83 -8.67 10.95
CA LEU A 20 -2.82 -9.45 11.68
C LEU A 20 -3.97 -8.57 12.15
N SER A 21 -3.63 -7.33 12.49
CA SER A 21 -4.60 -6.29 12.81
C SER A 21 -5.50 -6.01 11.61
N LEU A 22 -4.90 -5.83 10.44
CA LEU A 22 -5.66 -5.68 9.20
C LEU A 22 -6.70 -6.80 9.09
N LYS A 23 -6.26 -8.02 9.37
CA LYS A 23 -7.09 -9.21 9.22
C LYS A 23 -8.24 -9.32 10.22
N ARG A 24 -8.06 -8.86 11.46
CA ARG A 24 -9.13 -9.05 12.44
C ARG A 24 -10.36 -8.18 12.19
N GLU A 25 -10.18 -7.02 11.57
CA GLU A 25 -11.31 -6.22 11.19
C GLU A 25 -12.14 -6.91 10.11
N LYS A 26 -11.64 -8.03 9.60
CA LYS A 26 -12.33 -8.77 8.55
C LYS A 26 -12.68 -7.85 7.37
N PRO A 27 -11.70 -7.57 6.50
CA PRO A 27 -12.02 -6.77 5.32
C PRO A 27 -12.84 -7.57 4.31
N ASP A 28 -13.80 -6.91 3.65
CA ASP A 28 -14.51 -7.53 2.55
C ASP A 28 -13.73 -7.21 1.29
N ASN A 29 -13.00 -6.10 1.35
CA ASN A 29 -12.12 -5.68 0.27
C ASN A 29 -10.86 -5.00 0.80
N LEU A 30 -9.88 -4.87 -0.10
CA LEU A 30 -8.63 -4.20 0.21
C LEU A 30 -8.39 -3.14 -0.87
N ALA A 31 -7.83 -2.01 -0.45
CA ALA A 31 -7.29 -1.02 -1.36
C ALA A 31 -5.79 -0.90 -1.10
N ILE A 32 -4.96 -1.14 -2.12
CA ILE A 32 -3.52 -1.06 -1.97
C ILE A 32 -2.98 0.15 -2.70
N ILE A 33 -2.53 1.15 -1.95
CA ILE A 33 -1.81 2.28 -2.54
C ILE A 33 -0.31 1.98 -2.48
N LEU A 34 0.33 2.06 -3.64
CA LEU A 34 1.75 1.75 -3.78
C LEU A 34 2.49 2.97 -4.28
N GLN A 35 3.31 3.59 -3.43
CA GLN A 35 4.08 4.73 -3.88
C GLN A 35 5.51 4.33 -4.18
N ILE A 36 5.88 4.46 -5.45
CA ILE A 36 7.13 3.92 -5.93
C ILE A 36 8.11 4.97 -6.46
N ASP A 37 9.31 4.93 -5.90
CA ASP A 37 10.48 5.59 -6.43
C ASP A 37 11.21 4.50 -7.20
N PHE A 38 11.01 4.44 -8.51
CA PHE A 38 11.59 3.40 -9.34
C PHE A 38 13.14 3.37 -9.36
N THR A 39 13.77 4.52 -9.11
CA THR A 39 15.23 4.61 -9.11
C THR A 39 15.77 4.26 -7.73
N LYS A 40 14.95 3.56 -6.95
CA LYS A 40 15.33 3.15 -5.60
C LYS A 40 15.29 1.64 -5.52
N LEU A 41 14.53 1.04 -6.42
CA LEU A 41 14.55 -0.41 -6.56
C LEU A 41 15.98 -0.88 -6.75
N LYS A 42 16.44 -1.80 -5.89
CA LYS A 42 17.74 -2.43 -6.08
C LYS A 42 17.86 -3.18 -7.40
N GLU A 43 16.78 -3.89 -7.73
CA GLU A 43 16.72 -4.91 -8.77
C GLU A 43 15.29 -4.55 -9.13
N GLU A 44 14.97 -4.60 -10.42
CA GLU A 44 13.65 -4.23 -10.90
C GLU A 44 12.71 -5.44 -10.92
N ASP A 45 13.28 -6.64 -10.88
CA ASP A 45 12.49 -7.87 -10.80
C ASP A 45 11.82 -7.81 -9.42
N SER A 46 11.91 -6.65 -8.77
CA SER A 46 11.08 -6.39 -7.60
C SER A 46 9.69 -5.91 -8.06
N LEU A 47 9.60 -5.51 -9.33
CA LEU A 47 8.36 -5.04 -9.92
C LEU A 47 7.56 -6.20 -10.49
N ILE A 48 8.21 -7.34 -10.63
CA ILE A 48 7.52 -8.51 -11.16
C ILE A 48 6.81 -9.25 -10.03
N VAL A 49 7.28 -9.04 -8.81
CA VAL A 49 6.61 -9.56 -7.62
C VAL A 49 5.37 -8.76 -7.23
N VAL A 50 5.47 -7.45 -7.35
CA VAL A 50 4.33 -6.57 -7.24
C VAL A 50 3.22 -7.12 -8.12
N TYR A 51 3.50 -7.25 -9.41
CA TYR A 51 2.51 -7.74 -10.35
C TYR A 51 1.90 -9.03 -9.86
N ASN A 52 2.74 -10.01 -9.57
CA ASN A 52 2.24 -11.31 -9.14
C ASN A 52 1.46 -11.22 -7.85
N SER A 53 1.98 -10.46 -6.90
CA SER A 53 1.33 -10.29 -5.60
C SER A 53 -0.06 -9.72 -5.75
N LEU A 54 -0.16 -8.69 -6.57
CA LEU A 54 -1.42 -8.02 -6.82
C LEU A 54 -2.49 -8.96 -7.37
N LYS A 55 -2.18 -9.63 -8.48
CA LYS A 55 -3.10 -10.60 -9.08
C LYS A 55 -3.47 -11.67 -8.06
N ALA A 56 -2.47 -12.18 -7.36
CA ALA A 56 -2.68 -13.20 -6.34
C ALA A 56 -3.75 -12.77 -5.33
N LEU A 57 -3.60 -11.59 -4.74
CA LEU A 57 -4.58 -11.06 -3.82
C LEU A 57 -6.04 -11.08 -4.34
N THR A 58 -6.22 -11.03 -5.66
CA THR A 58 -7.56 -11.03 -6.24
C THR A 58 -8.21 -12.41 -6.20
N ILE A 59 -7.52 -13.39 -5.64
CA ILE A 59 -8.16 -14.69 -5.46
C ILE A 59 -9.10 -14.59 -4.27
N LYS A 60 -8.66 -13.87 -3.25
CA LYS A 60 -9.48 -13.63 -2.07
C LYS A 60 -10.33 -12.38 -2.27
N PHE A 61 -9.72 -11.31 -2.77
CA PHE A 61 -10.46 -10.08 -3.01
C PHE A 61 -10.61 -9.77 -4.50
N ALA A 62 -11.68 -10.25 -5.12
CA ALA A 62 -11.93 -9.98 -6.54
C ALA A 62 -12.08 -8.48 -6.84
N ARG A 63 -12.61 -7.74 -5.87
CA ARG A 63 -12.83 -6.32 -6.06
C ARG A 63 -11.60 -5.52 -5.62
N LEU A 64 -10.44 -6.16 -5.67
CA LEU A 64 -9.19 -5.57 -5.22
C LEU A 64 -8.89 -4.25 -5.93
N GLN A 65 -8.70 -3.19 -5.15
CA GLN A 65 -8.44 -1.89 -5.73
C GLN A 65 -7.00 -1.50 -5.46
N PHE A 66 -6.40 -0.78 -6.40
CA PHE A 66 -4.99 -0.42 -6.33
C PHE A 66 -4.90 1.02 -6.71
N CYS A 67 -3.79 1.63 -6.30
CA CYS A 67 -3.46 3.00 -6.67
C CYS A 67 -1.94 3.21 -6.65
N PHE A 68 -1.39 3.56 -7.80
CA PHE A 68 0.04 3.82 -7.94
C PHE A 68 0.29 5.30 -7.88
N VAL A 69 0.94 5.72 -6.83
CA VAL A 69 1.38 7.10 -6.69
C VAL A 69 2.85 7.12 -7.07
N ASP A 70 3.37 8.26 -7.54
CA ASP A 70 4.78 8.37 -7.84
C ASP A 70 5.50 9.01 -6.66
N ARG A 71 6.82 9.19 -6.76
CA ARG A 71 7.61 9.66 -5.63
C ARG A 71 7.33 11.12 -5.22
N ASN A 72 6.58 11.84 -6.05
CA ASN A 72 6.22 13.22 -5.76
C ASN A 72 4.75 13.36 -5.42
N ASN A 73 4.10 12.22 -5.20
CA ASN A 73 2.73 12.18 -4.71
C ASN A 73 1.75 12.48 -5.83
N TYR A 74 2.09 12.06 -7.04
CA TYR A 74 1.16 12.20 -8.15
C TYR A 74 0.61 10.84 -8.53
N VAL A 75 -0.72 10.75 -8.60
CA VAL A 75 -1.39 9.51 -8.95
C VAL A 75 -1.00 9.11 -10.37
N LEU A 76 -0.63 7.86 -10.54
CA LEU A 76 -0.20 7.37 -11.84
C LEU A 76 -1.31 6.53 -12.44
N ASP A 77 -2.07 5.89 -11.57
CA ASP A 77 -3.11 4.99 -12.02
C ASP A 77 -3.88 4.47 -10.82
N TYR A 78 -4.98 3.79 -11.08
CA TYR A 78 -5.81 3.26 -10.03
C TYR A 78 -6.95 2.48 -10.65
N GLY A 79 -7.71 1.78 -9.82
CA GLY A 79 -8.82 1.01 -10.32
C GLY A 79 -8.76 -0.42 -9.82
N SER A 80 -9.31 -1.34 -10.60
CA SER A 80 -9.35 -2.73 -10.18
C SER A 80 -8.12 -3.51 -10.62
N VAL A 81 -7.36 -4.01 -9.67
CA VAL A 81 -6.28 -4.93 -9.99
C VAL A 81 -6.75 -6.01 -10.98
N LEU A 82 -7.92 -6.58 -10.69
CA LEU A 82 -8.44 -7.70 -11.46
C LEU A 82 -8.67 -7.40 -12.93
N HIS A 83 -9.19 -6.21 -13.23
CA HIS A 83 -9.62 -5.88 -14.59
C HIS A 83 -8.66 -4.92 -15.28
N LYS A 84 -7.87 -4.17 -14.52
CA LYS A 84 -7.03 -3.12 -15.09
C LYS A 84 -5.53 -3.46 -15.14
N ILE A 85 -5.15 -4.67 -14.72
CA ILE A 85 -3.74 -5.03 -14.74
C ILE A 85 -3.52 -6.35 -15.46
N ASP A 86 -3.23 -6.25 -16.75
CA ASP A 86 -3.05 -7.42 -17.61
C ASP A 86 -1.58 -7.76 -17.90
N SER A 87 -0.83 -6.77 -18.37
CA SER A 87 0.59 -6.93 -18.63
C SER A 87 1.37 -6.68 -17.33
N LEU A 88 2.68 -6.86 -17.40
CA LEU A 88 3.55 -6.35 -16.35
C LEU A 88 3.94 -4.99 -16.86
N ASP A 89 3.85 -4.84 -18.17
CA ASP A 89 3.94 -3.53 -18.78
C ASP A 89 2.96 -2.67 -18.01
N SER A 90 1.76 -3.21 -17.79
CA SER A 90 0.72 -2.52 -17.02
C SER A 90 1.31 -1.72 -15.87
N ILE A 91 2.09 -2.39 -15.03
CA ILE A 91 2.76 -1.74 -13.91
C ILE A 91 4.01 -1.00 -14.37
N SER A 92 4.74 -1.65 -15.29
CA SER A 92 6.04 -1.17 -15.75
C SER A 92 5.98 0.19 -16.44
N ASN A 93 5.03 0.35 -17.35
CA ASN A 93 4.92 1.54 -18.19
C ASN A 93 4.75 2.82 -17.38
N LEU A 94 3.97 2.73 -16.31
CA LEU A 94 3.69 3.90 -15.47
C LEU A 94 4.95 4.60 -15.05
N LYS A 95 6.09 3.96 -15.28
CA LYS A 95 7.35 4.58 -14.93
C LYS A 95 7.43 5.87 -15.71
N SER A 96 7.04 5.76 -16.99
CA SER A 96 7.14 6.82 -17.99
C SER A 96 5.81 7.52 -18.28
N LYS A 97 5.07 7.82 -17.22
CA LYS A 97 3.70 8.29 -17.32
C LYS A 97 3.60 9.58 -16.56
N SER A 98 3.07 10.62 -17.20
CA SER A 98 2.94 11.92 -16.55
C SER A 98 1.56 12.13 -15.93
N SER A 99 1.44 13.16 -15.10
CA SER A 99 0.25 13.36 -14.28
C SER A 99 0.29 14.67 -13.53
N SER A 100 -0.87 15.29 -13.34
CA SER A 100 -0.95 16.50 -12.55
C SER A 100 -1.93 16.40 -11.37
N THR A 101 -2.31 15.17 -11.01
CA THR A 101 -3.16 14.94 -9.85
C THR A 101 -2.40 14.52 -8.57
N GLN A 102 -2.29 15.42 -7.59
CA GLN A 102 -1.78 15.05 -6.27
C GLN A 102 -2.67 14.00 -5.62
N PHE A 103 -2.07 13.02 -4.94
CA PHE A 103 -2.82 12.01 -4.20
C PHE A 103 -3.25 12.51 -2.83
N SER A 104 -4.38 11.99 -2.37
CA SER A 104 -4.80 12.13 -0.98
C SER A 104 -5.83 11.05 -0.69
N PRO A 105 -6.00 10.70 0.58
CA PRO A 105 -7.05 9.73 0.93
C PRO A 105 -8.40 10.20 0.37
N ILE A 106 -8.88 11.32 0.89
CA ILE A 106 -10.07 11.98 0.34
C ILE A 106 -10.35 12.14 -1.17
N TRP A 107 -9.30 12.21 -1.99
CA TRP A 107 -9.37 11.98 -3.43
C TRP A 107 -9.68 10.51 -3.69
N LEU A 108 -8.87 9.64 -3.09
CA LEU A 108 -8.96 8.20 -3.28
C LEU A 108 -10.33 7.71 -2.90
N LYS A 109 -10.80 8.16 -1.74
CA LYS A 109 -12.12 7.80 -1.23
C LYS A 109 -13.21 8.21 -2.21
N ASN A 110 -13.23 9.49 -2.54
CA ASN A 110 -14.11 10.06 -3.55
C ASN A 110 -14.04 9.34 -4.88
N THR A 111 -12.85 8.88 -5.23
CA THR A 111 -12.63 8.28 -6.54
C THR A 111 -12.95 6.78 -6.56
N LEU A 112 -12.56 6.07 -5.51
CA LEU A 112 -12.87 4.65 -5.42
C LEU A 112 -14.30 4.39 -4.96
N TYR A 113 -14.81 5.26 -4.07
CA TYR A 113 -16.14 5.08 -3.48
C TYR A 113 -16.92 6.39 -3.45
N PRO A 114 -17.63 6.68 -4.56
CA PRO A 114 -18.49 7.87 -4.71
C PRO A 114 -19.69 7.81 -3.76
N GLU A 115 -20.30 6.63 -3.67
CA GLU A 115 -21.48 6.39 -2.84
C GLU A 115 -21.13 6.04 -1.39
N ASN A 116 -19.83 5.97 -1.09
CA ASN A 116 -19.39 5.79 0.29
C ASN A 116 -18.88 4.35 0.42
N ILE A 117 -18.83 3.87 1.66
CA ILE A 117 -18.21 2.60 2.02
C ILE A 117 -19.29 2.03 2.95
N HIS A 118 -19.82 0.88 2.60
CA HIS A 118 -20.67 0.12 3.49
C HIS A 118 -20.00 -1.19 3.88
N GLU A 119 -19.19 -1.74 3.00
CA GLU A 119 -18.43 -2.93 3.34
C GLU A 119 -17.32 -2.65 4.35
N HIS A 120 -16.62 -3.71 4.74
CA HIS A 120 -15.37 -3.58 5.47
C HIS A 120 -14.21 -3.36 4.50
N LEU A 121 -13.53 -2.24 4.62
CA LEU A 121 -12.40 -1.97 3.74
C LEU A 121 -11.12 -1.93 4.55
N GLY A 122 -10.07 -2.54 4.02
CA GLY A 122 -8.76 -2.37 4.59
C GLY A 122 -7.90 -1.56 3.66
N ILE A 123 -7.21 -0.57 4.21
CA ILE A 123 -6.28 0.26 3.45
C ILE A 123 -4.81 -0.09 3.70
N VAL A 124 -4.07 -0.38 2.62
CA VAL A 124 -2.66 -0.70 2.73
C VAL A 124 -1.86 0.36 1.98
N ALA A 125 -1.05 1.10 2.71
CA ALA A 125 -0.21 2.11 2.11
C ALA A 125 1.24 1.64 2.18
N VAL A 126 1.85 1.40 1.03
CA VAL A 126 3.24 0.97 0.96
C VAL A 126 4.03 1.92 0.08
N SER A 127 5.15 2.42 0.59
CA SER A 127 5.95 3.40 -0.14
C SER A 127 7.41 3.16 0.12
N ASN A 128 8.24 3.35 -0.91
CA ASN A 128 9.68 3.22 -0.75
C ASN A 128 10.38 4.55 -1.00
N SER A 129 9.60 5.59 -1.25
CA SER A 129 10.12 6.92 -1.55
C SER A 129 10.53 7.65 -0.27
N ASN A 130 11.38 8.66 -0.45
CA ASN A 130 11.85 9.51 0.66
C ASN A 130 10.74 10.16 1.51
N MET A 131 11.09 10.39 2.77
CA MET A 131 10.11 10.74 3.80
C MET A 131 9.80 12.23 3.96
N GLU A 132 9.90 13.00 2.87
CA GLU A 132 9.48 14.39 2.89
C GLU A 132 7.95 14.44 3.10
N ALA A 133 7.50 15.02 4.22
CA ALA A 133 6.10 14.92 4.62
C ALA A 133 5.06 15.22 3.53
N LYS A 134 5.35 16.20 2.67
CA LYS A 134 4.39 16.60 1.65
C LYS A 134 4.28 15.63 0.47
N LYS A 135 5.28 14.77 0.30
CA LYS A 135 5.34 13.84 -0.84
C LYS A 135 5.01 12.40 -0.46
N SER A 136 5.28 12.04 0.79
CA SER A 136 5.03 10.68 1.25
C SER A 136 3.56 10.47 1.50
N ILE A 137 3.06 9.31 1.07
CA ILE A 137 1.68 8.90 1.29
C ILE A 137 1.44 8.36 2.71
N LEU A 138 2.52 7.99 3.38
CA LEU A 138 2.45 7.44 4.72
C LEU A 138 2.15 8.55 5.72
N PHE A 139 2.64 9.75 5.41
CA PHE A 139 2.50 10.91 6.27
C PHE A 139 1.07 11.46 6.24
N GLN A 140 0.19 10.84 5.48
CA GLN A 140 -1.13 11.42 5.29
C GLN A 140 -2.23 10.89 6.21
N ASP A 141 -3.35 11.59 6.21
CA ASP A 141 -4.44 11.33 7.16
C ASP A 141 -5.57 10.56 6.48
N TYR A 142 -5.59 9.26 6.75
CA TYR A 142 -6.50 8.35 6.10
C TYR A 142 -7.84 8.19 6.80
N ARG A 143 -8.03 8.94 7.89
CA ARG A 143 -9.24 8.87 8.71
C ARG A 143 -10.56 9.25 8.00
N CYS A 144 -10.46 9.93 6.86
CA CYS A 144 -11.64 10.12 6.03
C CYS A 144 -12.20 8.75 5.65
N PHE A 145 -11.63 7.70 6.19
CA PHE A 145 -12.01 6.35 5.82
C PHE A 145 -12.58 5.63 7.02
N THR A 146 -12.54 6.29 8.17
CA THR A 146 -13.08 5.75 9.42
C THR A 146 -14.57 5.42 9.26
N SER A 147 -14.95 4.23 9.71
CA SER A 147 -16.34 3.79 9.75
C SER A 147 -17.10 4.30 10.99
N PHE A 148 -18.42 4.34 10.89
CA PHE A 148 -19.23 4.53 12.08
C PHE A 148 -18.86 3.43 13.08
N GLY A 149 -18.59 3.84 14.32
CA GLY A 149 -18.21 2.89 15.36
C GLY A 149 -16.87 2.25 15.64
N ARG A 150 -15.91 2.51 14.75
CA ARG A 150 -14.47 2.67 14.82
C ARG A 150 -14.07 4.14 14.88
N ARG A 151 -12.99 4.46 15.57
CA ARG A 151 -12.51 5.83 15.62
C ARG A 151 -11.24 6.04 14.79
N ARG A 152 -10.81 4.99 14.11
CA ARG A 152 -9.70 5.06 13.17
C ARG A 152 -9.99 4.04 12.07
N PRO A 153 -9.41 4.25 10.88
CA PRO A 153 -9.60 3.30 9.78
C PRO A 153 -8.77 2.00 9.95
N ASN A 154 -9.07 1.02 9.11
CA ASN A 154 -8.30 -0.21 9.06
C ASN A 154 -7.15 0.09 8.13
N GLU A 155 -6.15 0.82 8.62
CA GLU A 155 -5.05 1.23 7.74
C GLU A 155 -3.72 0.57 8.08
N LEU A 156 -3.08 -0.01 7.06
CA LEU A 156 -1.74 -0.58 7.20
C LEU A 156 -0.73 0.26 6.43
N LYS A 157 0.25 0.84 7.11
CA LYS A 157 1.25 1.66 6.43
C LYS A 157 2.68 1.09 6.52
N ILE A 158 3.20 0.63 5.40
CA ILE A 158 4.51 0.01 5.37
C ILE A 158 5.54 0.85 4.62
N LYS A 159 6.75 0.94 5.18
CA LYS A 159 7.83 1.70 4.56
C LYS A 159 8.90 0.74 4.08
N VAL A 160 9.14 0.73 2.76
CA VAL A 160 10.13 -0.16 2.16
C VAL A 160 11.51 0.47 2.15
N GLY A 161 12.41 -0.07 2.95
CA GLY A 161 13.71 0.52 3.15
C GLY A 161 13.77 1.13 4.52
N TYR A 162 14.65 0.63 5.38
CA TYR A 162 14.71 1.08 6.77
C TYR A 162 15.00 2.56 6.99
N LEU A 163 14.56 3.08 8.12
CA LEU A 163 14.81 4.48 8.44
C LEU A 163 15.73 4.66 9.64
N ASN A 164 16.42 5.79 9.65
CA ASN A 164 17.38 6.14 10.68
C ASN A 164 16.71 7.27 11.45
N VAL A 165 15.53 7.67 10.98
CA VAL A 165 14.82 8.81 11.59
C VAL A 165 13.45 8.42 12.21
N ASP A 166 13.08 9.09 13.30
CA ASP A 166 11.86 8.78 14.05
C ASP A 166 10.73 9.76 13.66
N TYR A 167 9.64 9.21 13.15
CA TYR A 167 8.50 10.04 12.75
C TYR A 167 7.26 9.63 13.58
N SER A 168 7.50 9.17 14.81
CA SER A 168 6.45 8.59 15.65
C SER A 168 5.29 9.54 15.97
N ASP A 169 5.55 10.83 15.98
CA ASP A 169 4.48 11.81 16.19
C ASP A 169 3.66 12.04 14.91
N LYS A 170 4.36 12.23 13.80
CA LYS A 170 3.72 12.49 12.50
C LYS A 170 3.03 11.26 11.90
N ILE A 171 3.66 10.09 12.00
CA ILE A 171 3.07 8.86 11.48
C ILE A 171 2.91 7.92 12.62
N ASP A 172 2.24 6.81 12.44
CA ASP A 172 1.59 6.15 13.56
C ASP A 172 1.49 4.67 13.54
N GLU A 173 2.49 3.94 13.91
CA GLU A 173 2.33 2.53 13.75
C GLU A 173 2.56 2.34 12.29
N LEU A 174 3.68 2.86 11.89
CA LEU A 174 4.35 2.56 10.63
C LEU A 174 5.20 1.29 10.75
N VAL A 175 5.21 0.49 9.68
CA VAL A 175 6.03 -0.70 9.62
C VAL A 175 7.21 -0.44 8.69
N GLU A 176 8.33 -1.09 8.97
CA GLU A 176 9.50 -0.97 8.11
C GLU A 176 10.01 -2.34 7.65
N ALA A 177 9.92 -2.59 6.35
CA ALA A 177 10.45 -3.80 5.75
C ALA A 177 11.53 -3.39 4.75
N SER A 178 12.08 -4.35 4.00
CA SER A 178 13.26 -4.10 3.18
C SER A 178 12.99 -4.33 1.69
N SER A 179 11.84 -4.90 1.36
CA SER A 179 11.53 -5.24 -0.03
C SER A 179 10.06 -5.04 -0.34
N TRP A 180 9.76 -4.72 -1.60
CA TRP A 180 8.40 -4.77 -2.06
C TRP A 180 8.15 -6.26 -2.09
N THR A 181 9.22 -7.00 -1.92
CA THR A 181 9.14 -8.42 -2.12
C THR A 181 8.78 -9.08 -0.80
N PHE A 182 9.42 -8.69 0.30
CA PHE A 182 9.04 -9.24 1.58
C PHE A 182 7.60 -8.87 1.91
N VAL A 183 7.26 -7.61 1.69
CA VAL A 183 5.97 -7.06 2.06
C VAL A 183 4.80 -7.69 1.31
N LEU A 184 4.81 -7.56 0.00
CA LEU A 184 3.69 -8.07 -0.76
C LEU A 184 3.56 -9.57 -0.58
N GLU A 185 4.69 -10.28 -0.57
CA GLU A 185 4.64 -11.72 -0.40
C GLU A 185 4.07 -12.10 0.96
N THR A 186 4.57 -11.50 2.03
CA THR A 186 3.99 -11.73 3.35
C THR A 186 2.51 -11.42 3.33
N LEU A 187 2.14 -10.34 2.68
CA LEU A 187 0.74 -9.97 2.62
C LEU A 187 -0.10 -11.08 2.00
N CYS A 188 0.43 -11.73 0.95
CA CYS A 188 -0.20 -12.91 0.34
C CYS A 188 -0.27 -14.15 1.25
N TYR A 189 0.88 -14.51 1.84
CA TYR A 189 0.93 -15.62 2.79
C TYR A 189 -0.15 -15.46 3.83
N SER A 190 -0.34 -14.21 4.29
CA SER A 190 -1.27 -13.90 5.38
C SER A 190 -2.72 -14.26 5.08
N PHE A 191 -3.08 -14.32 3.81
CA PHE A 191 -4.46 -14.63 3.45
C PHE A 191 -4.56 -16.05 2.93
N GLY A 192 -3.57 -16.85 3.28
CA GLY A 192 -3.52 -18.24 2.86
C GLY A 192 -3.19 -18.39 1.39
N LEU A 193 -2.96 -17.27 0.72
CA LEU A 193 -2.63 -17.28 -0.70
C LEU A 193 -1.38 -18.11 -0.97
N SER A 194 -1.24 -18.56 -2.22
CA SER A 194 -0.09 -19.36 -2.61
C SER A 194 1.18 -18.90 -1.90
#